data_5LBG
#
_entry.id   5LBG
#
_cell.length_a   45.062
_cell.length_b   91.362
_cell.length_c   67.550
_cell.angle_alpha   90.00
_cell.angle_beta   103.59
_cell.angle_gamma   90.00
#
_symmetry.space_group_name_H-M   'P 1 21 1'
#
loop_
_entity.id
_entity.type
_entity.pdbx_description
1 polymer 'L,D-transpeptidase 2'
2 non-polymer '(3S)-3-HYDROXYBUTANOIC ACID'
3 water water
#
_entity_poly.entity_id   1
_entity_poly.type   'polypeptide(L)'
_entity_poly.pdbx_seq_one_letter_code
;SMAHLTMPYVMPGDGEVVGVGEPVAIRFDENIADRGAAEKAIKITTNPPVEGAFYWLNNREVRWRPEHFWKPGTAVDVAV
NTYGVDLGEGMFGEDNVQTHFTIGDEVIATADDNTKILTVRVNGEVVKSMPTSMGKDSTPTANGIYIVGSRYKHIIMDSS
TYGVPVNSPNGYRTDVDWATQISYSGVFVHSAPWSVGAQGHTNTSHGCLNVSPSNAQWFYDHVKRGDIVEVVNTVGGTLP
GIDGLGDWNIPWDQWRAGNAKA
;
_entity_poly.pdbx_strand_id   A,B
#
loop_
_chem_comp.id
_chem_comp.type
_chem_comp.name
_chem_comp.formula
3HL non-polymer '(3S)-3-HYDROXYBUTANOIC ACID' 'C4 H8 O3'
#
# COMPACT_ATOMS: atom_id res chain seq x y z
N HIS A 4 6.66 3.92 17.98
CA HIS A 4 7.70 2.87 17.81
C HIS A 4 7.34 1.63 16.97
N LEU A 5 6.29 1.68 16.16
CA LEU A 5 5.97 0.56 15.28
C LEU A 5 5.98 1.06 13.84
N THR A 6 6.38 0.23 12.89
CA THR A 6 6.39 0.73 11.49
C THR A 6 5.67 -0.23 10.57
N MET A 7 4.77 0.29 9.75
N MET A 7 4.72 0.24 9.76
CA MET A 7 4.10 -0.59 8.82
CA MET A 7 4.06 -0.59 8.77
C MET A 7 4.77 -0.50 7.43
C MET A 7 4.79 -0.51 7.44
N PRO A 8 5.08 -1.64 6.83
CA PRO A 8 5.56 -1.64 5.44
C PRO A 8 4.41 -1.67 4.46
N TYR A 9 4.68 -1.25 3.24
CA TYR A 9 3.72 -1.37 2.15
C TYR A 9 4.49 -1.84 0.96
N VAL A 10 3.99 -2.86 0.29
CA VAL A 10 4.73 -3.43 -0.83
C VAL A 10 4.02 -3.17 -2.21
N MET A 11 4.75 -2.83 -3.26
N MET A 11 4.75 -2.83 -3.26
CA MET A 11 4.22 -2.74 -4.61
CA MET A 11 4.23 -2.74 -4.61
C MET A 11 5.17 -3.57 -5.45
C MET A 11 5.16 -3.58 -5.44
N PRO A 12 4.70 -4.06 -6.58
CA PRO A 12 3.34 -3.90 -7.02
C PRO A 12 2.35 -4.66 -6.16
N GLY A 13 1.09 -4.36 -6.36
CA GLY A 13 0.03 -4.98 -5.62
C GLY A 13 -0.18 -6.44 -5.97
N ASP A 14 -0.72 -7.17 -5.03
CA ASP A 14 -0.92 -8.59 -5.18
C ASP A 14 -1.78 -8.87 -6.38
N GLY A 15 -1.33 -9.81 -7.19
CA GLY A 15 -2.06 -10.17 -8.38
C GLY A 15 -1.86 -9.33 -9.62
N GLU A 16 -1.06 -8.27 -9.56
CA GLU A 16 -0.92 -7.42 -10.75
C GLU A 16 -0.04 -8.05 -11.80
N VAL A 17 -0.19 -7.57 -13.02
CA VAL A 17 0.67 -7.93 -14.12
C VAL A 17 1.36 -6.61 -14.43
N VAL A 18 2.68 -6.63 -14.45
CA VAL A 18 3.46 -5.41 -14.66
C VAL A 18 4.50 -5.58 -15.74
N GLY A 19 5.05 -4.46 -16.21
CA GLY A 19 6.08 -4.49 -17.22
C GLY A 19 7.46 -4.91 -16.77
N VAL A 20 8.35 -5.06 -17.74
CA VAL A 20 9.65 -5.59 -17.51
C VAL A 20 10.60 -4.68 -16.72
N GLY A 21 10.21 -3.44 -16.50
CA GLY A 21 11.06 -2.56 -15.74
C GLY A 21 10.65 -2.39 -14.31
N GLU A 22 9.62 -3.08 -13.85
CA GLU A 22 9.04 -2.78 -12.53
C GLU A 22 9.86 -3.35 -11.41
N PRO A 23 10.39 -2.50 -10.53
CA PRO A 23 11.07 -3.04 -9.37
C PRO A 23 10.09 -3.42 -8.28
N VAL A 24 10.51 -4.30 -7.40
CA VAL A 24 9.77 -4.52 -6.20
C VAL A 24 10.04 -3.31 -5.31
N ALA A 25 9.06 -2.75 -4.67
CA ALA A 25 9.25 -1.60 -3.81
C ALA A 25 8.69 -1.86 -2.44
N ILE A 26 9.41 -1.58 -1.39
CA ILE A 26 8.87 -1.70 -0.06
C ILE A 26 9.01 -0.37 0.58
N ARG A 27 7.90 0.27 0.93
CA ARG A 27 7.90 1.59 1.55
C ARG A 27 7.52 1.47 2.98
N PHE A 28 8.13 2.25 3.82
CA PHE A 28 7.85 2.20 5.22
C PHE A 28 7.29 3.52 5.63
N ASP A 29 6.48 3.52 6.67
CA ASP A 29 5.92 4.77 7.14
C ASP A 29 6.79 5.50 8.18
N GLU A 30 8.05 5.12 8.33
CA GLU A 30 8.99 5.80 9.25
C GLU A 30 10.38 5.57 8.67
N ASN A 31 11.33 6.44 8.94
CA ASN A 31 12.68 6.22 8.47
C ASN A 31 13.18 4.93 9.08
N ILE A 32 13.92 4.17 8.33
CA ILE A 32 14.45 2.92 8.80
C ILE A 32 15.89 3.16 9.21
N ALA A 33 16.18 2.94 10.47
CA ALA A 33 17.51 3.15 10.96
C ALA A 33 18.42 2.04 10.58
N ASP A 34 17.96 0.80 10.62
CA ASP A 34 18.78 -0.35 10.32
C ASP A 34 18.32 -0.96 8.98
N ARG A 35 18.81 -0.42 7.89
CA ARG A 35 18.47 -0.89 6.56
C ARG A 35 18.83 -2.34 6.38
N GLY A 36 19.90 -2.80 7.03
CA GLY A 36 20.27 -4.17 6.91
C GLY A 36 19.24 -5.10 7.51
N ALA A 37 18.65 -4.69 8.61
CA ALA A 37 17.63 -5.53 9.20
C ALA A 37 16.42 -5.62 8.28
N ALA A 38 16.07 -4.51 7.64
CA ALA A 38 14.94 -4.53 6.73
C ALA A 38 15.19 -5.44 5.55
N GLU A 39 16.38 -5.35 4.98
CA GLU A 39 16.73 -6.17 3.84
C GLU A 39 16.69 -7.63 4.22
N LYS A 40 17.22 -7.99 5.37
CA LYS A 40 17.24 -9.37 5.76
C LYS A 40 15.83 -9.95 5.97
N ALA A 41 14.87 -9.11 6.29
CA ALA A 41 13.48 -9.52 6.52
C ALA A 41 12.66 -9.67 5.28
N ILE A 42 13.19 -9.23 4.14
CA ILE A 42 12.47 -9.27 2.89
C ILE A 42 12.98 -10.41 2.01
N LYS A 43 12.12 -11.36 1.71
CA LYS A 43 12.50 -12.52 0.91
C LYS A 43 11.82 -12.51 -0.43
N ILE A 44 12.60 -12.46 -1.48
CA ILE A 44 12.06 -12.45 -2.82
C ILE A 44 12.40 -13.71 -3.56
N THR A 45 11.36 -14.30 -4.15
N THR A 45 11.41 -14.32 -4.19
CA THR A 45 11.46 -15.54 -4.92
CA THR A 45 11.71 -15.48 -4.97
C THR A 45 11.04 -15.24 -6.35
C THR A 45 11.09 -15.26 -6.32
N THR A 46 11.79 -15.72 -7.34
CA THR A 46 11.44 -15.53 -8.72
C THR A 46 11.41 -16.86 -9.50
N ASN A 47 10.56 -16.94 -10.50
CA ASN A 47 10.48 -18.13 -11.33
C ASN A 47 10.13 -17.70 -12.78
N PRO A 48 11.05 -17.84 -13.76
CA PRO A 48 12.35 -18.40 -13.47
C PRO A 48 13.24 -17.60 -12.56
N PRO A 49 14.13 -18.25 -11.83
CA PRO A 49 14.97 -17.56 -10.88
C PRO A 49 15.97 -16.66 -11.52
N VAL A 50 16.07 -15.47 -10.95
CA VAL A 50 17.02 -14.51 -11.41
C VAL A 50 17.63 -13.77 -10.22
N GLU A 51 18.89 -13.40 -10.32
CA GLU A 51 19.55 -12.66 -9.26
C GLU A 51 19.01 -11.25 -9.19
N GLY A 52 18.87 -10.74 -7.99
CA GLY A 52 18.49 -9.36 -7.78
C GLY A 52 19.13 -8.83 -6.52
N ALA A 53 18.92 -7.54 -6.26
CA ALA A 53 19.53 -6.88 -5.13
C ALA A 53 18.77 -5.67 -4.68
N PHE A 54 18.96 -5.29 -3.42
CA PHE A 54 18.30 -4.13 -2.81
C PHE A 54 19.10 -2.83 -2.96
N TYR A 55 18.38 -1.72 -3.16
CA TYR A 55 18.97 -0.38 -3.19
C TYR A 55 17.94 0.58 -2.61
N TRP A 56 18.33 1.46 -1.70
CA TRP A 56 17.40 2.38 -1.09
C TRP A 56 17.31 3.67 -1.87
N LEU A 57 16.11 4.11 -2.19
CA LEU A 57 15.97 5.38 -2.89
C LEU A 57 15.95 6.54 -1.93
N ASN A 58 15.53 6.28 -0.72
CA ASN A 58 15.55 7.26 0.33
C ASN A 58 15.39 6.54 1.64
N ASN A 59 15.26 7.28 2.74
CA ASN A 59 15.20 6.62 4.02
C ASN A 59 14.01 5.78 4.31
N ARG A 60 12.95 5.89 3.50
CA ARG A 60 11.73 5.16 3.71
C ARG A 60 11.40 4.20 2.60
N GLU A 61 12.25 4.05 1.60
CA GLU A 61 11.87 3.18 0.50
C GLU A 61 13.04 2.42 -0.05
N VAL A 62 12.89 1.12 -0.12
CA VAL A 62 13.86 0.24 -0.71
C VAL A 62 13.31 -0.43 -1.93
N ARG A 63 14.13 -0.63 -2.92
CA ARG A 63 13.75 -1.25 -4.16
C ARG A 63 14.57 -2.48 -4.43
N TRP A 64 14.02 -3.47 -5.15
CA TRP A 64 14.75 -4.65 -5.53
C TRP A 64 14.49 -4.92 -6.98
N ARG A 65 15.54 -5.24 -7.71
CA ARG A 65 15.41 -5.56 -9.13
C ARG A 65 16.59 -6.38 -9.60
N PRO A 66 16.49 -7.02 -10.74
CA PRO A 66 17.59 -7.71 -11.36
C PRO A 66 18.54 -6.80 -12.13
N GLU A 67 19.60 -7.37 -12.68
CA GLU A 67 20.57 -6.65 -13.46
C GLU A 67 19.99 -6.12 -14.74
N HIS A 68 19.15 -6.94 -15.38
CA HIS A 68 18.51 -6.60 -16.63
C HIS A 68 17.03 -6.61 -16.48
N PHE A 69 16.33 -6.02 -17.43
CA PHE A 69 14.88 -6.00 -17.37
C PHE A 69 14.38 -7.42 -17.16
N TRP A 70 13.23 -7.55 -16.52
CA TRP A 70 12.69 -8.87 -16.25
C TRP A 70 12.38 -9.58 -17.56
N LYS A 71 12.39 -10.90 -17.49
N LYS A 71 12.49 -10.91 -17.57
CA LYS A 71 11.92 -11.73 -18.56
CA LYS A 71 12.01 -11.69 -18.69
C LYS A 71 10.39 -11.82 -18.51
C LYS A 71 10.50 -11.84 -18.56
N PRO A 72 9.74 -11.63 -19.62
CA PRO A 72 8.31 -11.78 -19.58
C PRO A 72 7.86 -13.13 -19.10
N GLY A 73 6.81 -13.14 -18.30
CA GLY A 73 6.27 -14.36 -17.74
C GLY A 73 6.80 -14.73 -16.40
N THR A 74 7.85 -14.06 -15.94
CA THR A 74 8.38 -14.33 -14.64
C THR A 74 7.36 -14.09 -13.57
N ALA A 75 7.33 -14.97 -12.59
CA ALA A 75 6.47 -14.83 -11.45
C ALA A 75 7.34 -14.44 -10.28
N VAL A 76 6.89 -13.46 -9.53
CA VAL A 76 7.64 -12.96 -8.39
C VAL A 76 6.82 -13.03 -7.13
N ASP A 77 7.42 -13.56 -6.07
CA ASP A 77 6.77 -13.62 -4.78
C ASP A 77 7.59 -12.84 -3.80
N VAL A 78 6.96 -11.94 -3.07
CA VAL A 78 7.65 -11.08 -2.10
C VAL A 78 7.06 -11.32 -0.73
N ALA A 79 7.90 -11.70 0.21
CA ALA A 79 7.48 -11.86 1.57
C ALA A 79 8.22 -10.86 2.45
N VAL A 80 7.54 -9.86 2.93
CA VAL A 80 8.14 -8.84 3.77
C VAL A 80 7.85 -9.33 5.18
N ASN A 81 8.81 -10.00 5.80
CA ASN A 81 8.61 -10.62 7.12
C ASN A 81 9.12 -9.77 8.24
N THR A 82 8.52 -8.59 8.31
CA THR A 82 8.94 -7.57 9.23
C THR A 82 8.27 -7.58 10.59
N TYR A 83 7.27 -8.43 10.80
CA TYR A 83 6.62 -8.46 12.11
C TYR A 83 7.63 -8.67 13.22
N GLY A 84 7.62 -7.73 14.16
CA GLY A 84 8.49 -7.81 15.32
C GLY A 84 9.97 -7.62 15.10
N VAL A 85 10.37 -7.26 13.90
CA VAL A 85 11.78 -7.07 13.64
C VAL A 85 12.21 -5.73 14.19
N ASP A 86 13.36 -5.71 14.85
CA ASP A 86 13.94 -4.49 15.38
C ASP A 86 14.58 -3.76 14.23
N LEU A 87 14.02 -2.63 13.87
CA LEU A 87 14.51 -1.89 12.73
C LEU A 87 15.37 -0.74 13.11
N GLY A 88 15.81 -0.74 14.36
CA GLY A 88 16.77 0.25 14.86
C GLY A 88 16.07 1.43 15.49
N GLU A 89 16.78 2.12 16.38
CA GLU A 89 16.27 3.27 17.11
C GLU A 89 14.94 2.99 17.76
N GLY A 90 14.81 1.81 18.33
CA GLY A 90 13.60 1.46 19.01
C GLY A 90 12.34 1.24 18.19
N MET A 91 12.44 1.16 16.87
CA MET A 91 11.25 0.94 16.04
C MET A 91 11.12 -0.55 15.71
N PHE A 92 9.91 -1.08 15.70
CA PHE A 92 9.70 -2.50 15.38
C PHE A 92 8.72 -2.65 14.23
N GLY A 93 8.91 -3.67 13.41
CA GLY A 93 7.97 -3.95 12.35
C GLY A 93 6.62 -4.34 12.91
N GLU A 94 5.56 -3.71 12.44
CA GLU A 94 4.23 -3.95 12.96
C GLU A 94 3.56 -5.17 12.38
N ASP A 95 4.01 -5.62 11.23
CA ASP A 95 3.31 -6.68 10.57
C ASP A 95 4.07 -7.19 9.40
N ASN A 96 3.59 -8.27 8.79
CA ASN A 96 4.18 -8.81 7.60
C ASN A 96 3.33 -8.41 6.42
N VAL A 97 3.93 -8.32 5.25
CA VAL A 97 3.13 -8.07 4.06
C VAL A 97 3.63 -8.93 2.95
N GLN A 98 2.79 -9.10 1.94
CA GLN A 98 3.20 -9.90 0.81
C GLN A 98 2.55 -9.52 -0.51
N THR A 99 3.16 -10.02 -1.56
CA THR A 99 2.64 -9.82 -2.89
C THR A 99 3.15 -10.88 -3.82
N HIS A 100 2.34 -11.16 -4.83
N HIS A 100 2.29 -11.29 -4.75
CA HIS A 100 2.61 -12.19 -5.81
CA HIS A 100 2.69 -12.15 -5.81
C HIS A 100 2.16 -11.64 -7.12
C HIS A 100 2.21 -11.48 -7.05
N PHE A 101 3.12 -11.31 -7.94
CA PHE A 101 2.82 -10.69 -9.19
C PHE A 101 3.54 -11.32 -10.36
N THR A 102 3.17 -10.94 -11.58
CA THR A 102 3.82 -11.46 -12.77
C THR A 102 4.24 -10.37 -13.75
N ILE A 103 5.17 -10.72 -14.60
CA ILE A 103 5.69 -9.81 -15.60
C ILE A 103 4.99 -10.08 -16.93
N GLY A 104 4.43 -9.06 -17.51
CA GLY A 104 3.74 -9.16 -18.80
C GLY A 104 4.68 -9.06 -20.00
N ASP A 105 4.15 -8.66 -21.15
CA ASP A 105 4.98 -8.52 -22.35
C ASP A 105 6.09 -7.46 -22.18
N GLU A 106 7.13 -7.60 -22.98
CA GLU A 106 8.20 -6.63 -23.02
C GLU A 106 7.72 -5.45 -23.85
N VAL A 107 7.51 -4.31 -23.24
CA VAL A 107 7.05 -3.14 -23.94
C VAL A 107 8.05 -2.03 -23.67
N ILE A 108 8.73 -1.61 -24.71
CA ILE A 108 9.77 -0.59 -24.59
C ILE A 108 9.50 0.49 -25.61
N ALA A 109 9.34 1.70 -25.13
CA ALA A 109 9.12 2.83 -26.00
C ALA A 109 10.33 3.70 -26.03
N THR A 110 10.82 4.02 -27.21
CA THR A 110 12.02 4.84 -27.33
C THR A 110 11.68 6.17 -27.94
N ALA A 111 12.04 7.25 -27.25
CA ALA A 111 11.82 8.61 -27.74
C ALA A 111 13.16 9.14 -28.16
N ASP A 112 13.37 9.31 -29.46
CA ASP A 112 14.65 9.70 -30.04
C ASP A 112 14.60 11.15 -30.49
N ASP A 113 15.38 12.02 -29.89
CA ASP A 113 15.33 13.44 -30.23
C ASP A 113 15.91 13.69 -31.62
N ASN A 114 16.65 12.75 -32.19
CA ASN A 114 17.19 12.96 -33.53
C ASN A 114 16.14 12.72 -34.56
N THR A 115 15.17 11.85 -34.30
CA THR A 115 14.10 11.63 -35.27
C THR A 115 12.80 12.31 -34.88
N LYS A 116 12.70 12.64 -33.61
CA LYS A 116 11.53 13.18 -32.99
C LYS A 116 10.33 12.25 -33.10
N ILE A 117 10.58 10.93 -33.06
N ILE A 117 10.58 11.00 -32.84
CA ILE A 117 9.53 9.87 -33.04
CA ILE A 117 9.60 10.00 -32.95
C ILE A 117 9.67 9.01 -31.78
C ILE A 117 9.77 9.15 -31.72
N LEU A 118 8.54 8.78 -31.12
N LEU A 118 8.62 8.73 -31.20
CA LEU A 118 8.44 7.82 -30.03
CA LEU A 118 8.54 7.81 -30.10
C LEU A 118 7.97 6.50 -30.65
C LEU A 118 8.00 6.51 -30.66
N THR A 119 8.80 5.47 -30.60
CA THR A 119 8.48 4.19 -31.18
C THR A 119 8.20 3.19 -30.09
N VAL A 120 7.10 2.47 -30.17
CA VAL A 120 6.79 1.47 -29.16
C VAL A 120 7.04 0.10 -29.70
N ARG A 121 7.85 -0.70 -29.05
N ARG A 121 7.86 -0.68 -29.04
CA ARG A 121 8.07 -2.05 -29.48
CA ARG A 121 8.07 -2.04 -29.44
C ARG A 121 7.44 -2.93 -28.44
C ARG A 121 7.53 -2.95 -28.41
N VAL A 122 6.84 -3.99 -28.90
CA VAL A 122 6.30 -5.04 -28.07
C VAL A 122 6.92 -6.32 -28.48
N ASN A 123 7.59 -6.92 -27.53
CA ASN A 123 8.35 -8.12 -27.76
C ASN A 123 9.28 -7.93 -28.97
N GLY A 124 9.92 -6.76 -29.00
CA GLY A 124 10.85 -6.44 -30.02
C GLY A 124 10.25 -5.89 -31.33
N GLU A 125 8.95 -5.94 -31.64
N GLU A 125 9.00 -6.07 -31.66
CA GLU A 125 8.41 -5.58 -32.95
CA GLU A 125 8.60 -5.56 -32.97
C GLU A 125 7.82 -4.23 -32.80
C GLU A 125 7.83 -4.25 -32.80
N VAL A 126 8.00 -3.37 -33.78
CA VAL A 126 7.37 -2.07 -33.79
C VAL A 126 5.88 -2.13 -33.95
N VAL A 127 5.17 -1.59 -32.98
CA VAL A 127 3.71 -1.52 -33.09
C VAL A 127 3.12 -0.15 -33.27
N LYS A 128 3.80 0.92 -32.84
N LYS A 128 3.89 0.88 -33.01
CA LYS A 128 3.35 2.29 -33.00
CA LYS A 128 3.35 2.20 -33.02
C LYS A 128 4.56 3.14 -33.17
C LYS A 128 4.52 3.16 -33.13
N SER A 129 4.41 4.16 -33.99
CA SER A 129 5.37 5.25 -34.14
C SER A 129 4.58 6.53 -33.95
N MET A 130 5.02 7.41 -33.06
CA MET A 130 4.33 8.65 -32.78
C MET A 130 5.25 9.82 -32.86
N PRO A 131 4.93 10.84 -33.64
CA PRO A 131 5.67 12.05 -33.64
C PRO A 131 5.61 12.67 -32.26
N THR A 132 6.69 13.24 -31.77
CA THR A 132 6.68 13.83 -30.44
C THR A 132 7.36 15.19 -30.38
N SER A 133 7.04 15.96 -29.37
CA SER A 133 7.68 17.22 -29.09
C SER A 133 8.11 17.11 -27.65
N MET A 134 9.42 17.11 -27.40
CA MET A 134 9.95 16.97 -26.07
C MET A 134 10.31 18.31 -25.46
N GLY A 135 11.06 18.32 -24.37
CA GLY A 135 11.40 19.57 -23.73
C GLY A 135 12.24 20.51 -24.57
N LYS A 136 11.89 21.78 -24.53
CA LYS A 136 12.63 22.79 -25.21
C LYS A 136 14.01 22.89 -24.59
N ASP A 137 14.93 23.54 -25.29
CA ASP A 137 16.30 23.56 -24.81
C ASP A 137 16.47 24.06 -23.39
N SER A 138 15.68 25.04 -22.96
CA SER A 138 15.87 25.55 -21.62
C SER A 138 15.27 24.66 -20.54
N THR A 139 14.39 23.73 -20.90
CA THR A 139 13.80 22.81 -19.96
C THR A 139 13.75 21.48 -20.68
N PRO A 140 14.95 20.89 -20.87
CA PRO A 140 14.93 19.68 -21.74
C PRO A 140 14.50 18.41 -21.04
N THR A 141 14.20 17.40 -21.84
CA THR A 141 13.88 16.08 -21.32
C THR A 141 15.20 15.36 -21.14
N ALA A 142 15.46 14.82 -19.97
CA ALA A 142 16.66 14.11 -19.73
C ALA A 142 16.67 12.78 -20.44
N ASN A 143 17.85 12.38 -20.87
CA ASN A 143 18.04 11.09 -21.47
C ASN A 143 17.98 10.03 -20.43
N GLY A 144 17.76 8.80 -20.84
CA GLY A 144 17.88 7.68 -19.93
C GLY A 144 16.71 6.75 -19.92
N ILE A 145 16.65 5.90 -18.90
CA ILE A 145 15.62 4.91 -18.80
C ILE A 145 14.58 5.32 -17.77
N TYR A 146 13.32 5.34 -18.18
CA TYR A 146 12.22 5.72 -17.31
C TYR A 146 11.28 4.53 -17.13
N ILE A 147 10.80 4.27 -15.93
CA ILE A 147 9.78 3.26 -15.66
C ILE A 147 8.41 3.91 -15.71
N VAL A 148 7.42 3.29 -16.35
CA VAL A 148 6.11 3.86 -16.41
C VAL A 148 5.43 3.71 -15.06
N GLY A 149 4.83 4.79 -14.60
CA GLY A 149 4.13 4.84 -13.34
C GLY A 149 2.62 4.88 -13.54
N SER A 150 1.98 5.81 -12.85
CA SER A 150 0.53 5.97 -12.93
C SER A 150 0.04 6.63 -14.18
N ARG A 151 -1.25 6.46 -14.48
CA ARG A 151 -1.85 7.08 -15.64
C ARG A 151 -3.08 7.85 -15.23
N TYR A 152 -3.39 8.89 -15.97
CA TYR A 152 -4.51 9.76 -15.66
C TYR A 152 -5.30 10.13 -16.89
N LYS A 153 -6.60 9.95 -16.86
CA LYS A 153 -7.41 10.31 -18.00
C LYS A 153 -7.42 11.81 -18.17
N HIS A 154 -7.54 12.54 -17.06
N HIS A 154 -7.53 12.53 -17.06
CA HIS A 154 -7.46 13.97 -17.03
CA HIS A 154 -7.38 13.94 -17.08
C HIS A 154 -6.54 14.29 -15.85
C HIS A 154 -6.62 14.34 -15.84
N ILE A 155 -5.68 15.30 -15.98
N ILE A 155 -5.75 15.32 -15.97
CA ILE A 155 -5.06 15.92 -14.79
CA ILE A 155 -5.30 16.01 -14.79
C ILE A 155 -4.78 17.38 -15.04
C ILE A 155 -4.80 17.40 -15.04
N ILE A 156 -4.70 18.10 -13.93
CA ILE A 156 -4.24 19.46 -13.95
C ILE A 156 -2.75 19.41 -13.72
N MET A 157 -1.99 19.69 -14.77
N MET A 157 -2.01 19.72 -14.78
CA MET A 157 -0.56 19.64 -14.69
CA MET A 157 -0.58 19.70 -14.77
C MET A 157 -0.13 21.00 -14.19
C MET A 157 -0.12 21.03 -14.20
N ASP A 158 0.39 21.00 -12.98
CA ASP A 158 0.73 22.24 -12.23
C ASP A 158 2.23 22.30 -11.96
N SER A 159 2.88 23.35 -12.42
CA SER A 159 4.31 23.40 -12.23
C SER A 159 4.75 23.44 -10.79
N SER A 160 3.92 23.93 -9.88
CA SER A 160 4.32 24.03 -8.50
C SER A 160 4.44 22.71 -7.82
N THR A 161 3.71 21.73 -8.32
CA THR A 161 3.77 20.43 -7.76
C THR A 161 5.19 19.97 -7.85
N TYR A 162 5.88 20.38 -8.90
CA TYR A 162 7.22 19.97 -9.15
C TYR A 162 8.26 21.08 -8.93
N GLY A 163 7.94 21.98 -8.00
CA GLY A 163 8.89 23.01 -7.57
C GLY A 163 8.87 24.39 -8.20
N VAL A 164 8.09 24.63 -9.24
CA VAL A 164 8.07 25.94 -9.87
C VAL A 164 6.75 26.64 -9.66
N PRO A 165 6.78 27.81 -8.98
CA PRO A 165 5.54 28.52 -8.77
C PRO A 165 4.81 28.82 -10.05
N VAL A 166 3.51 28.62 -10.01
CA VAL A 166 2.70 28.83 -11.17
C VAL A 166 2.80 30.23 -11.65
N ASN A 167 2.89 31.14 -10.71
CA ASN A 167 2.89 32.52 -11.01
C ASN A 167 4.30 33.07 -11.22
N SER A 168 5.29 32.21 -11.34
CA SER A 168 6.63 32.64 -11.63
C SER A 168 6.73 32.67 -13.13
N PRO A 169 7.79 33.31 -13.70
CA PRO A 169 7.70 33.46 -15.16
C PRO A 169 7.66 32.15 -15.92
N ASN A 170 8.20 31.08 -15.36
CA ASN A 170 8.18 29.79 -16.05
C ASN A 170 7.22 28.77 -15.50
N GLY A 171 6.18 29.20 -14.81
CA GLY A 171 5.20 28.24 -14.28
C GLY A 171 3.93 28.24 -15.08
N TYR A 172 3.13 27.21 -14.85
CA TYR A 172 1.85 27.08 -15.51
C TYR A 172 1.01 26.09 -14.74
N ARG A 173 -0.26 26.09 -15.08
CA ARG A 173 -1.23 25.20 -14.49
C ARG A 173 -2.13 24.92 -15.64
N THR A 174 -2.09 23.69 -16.14
CA THR A 174 -2.81 23.39 -17.36
C THR A 174 -3.56 22.08 -17.30
N ASP A 175 -4.76 22.04 -17.89
CA ASP A 175 -5.55 20.82 -17.94
C ASP A 175 -5.07 19.97 -19.10
N VAL A 176 -4.76 18.72 -18.85
CA VAL A 176 -4.34 17.84 -19.93
C VAL A 176 -5.01 16.48 -19.86
N ASP A 177 -5.14 15.87 -21.01
CA ASP A 177 -5.74 14.59 -21.12
C ASP A 177 -4.70 13.51 -21.34
N TRP A 178 -5.09 12.29 -21.05
CA TRP A 178 -4.35 11.08 -21.33
C TRP A 178 -2.88 11.17 -20.95
N ALA A 179 -2.64 11.30 -19.67
CA ALA A 179 -1.26 11.48 -19.18
C ALA A 179 -0.72 10.24 -18.57
N THR A 180 0.46 9.79 -19.00
CA THR A 180 1.10 8.66 -18.37
C THR A 180 2.38 9.15 -17.67
N GLN A 181 2.53 8.98 -16.37
N GLN A 181 2.53 8.89 -16.38
CA GLN A 181 3.71 9.52 -15.67
CA GLN A 181 3.69 9.29 -15.58
C GLN A 181 4.87 8.59 -15.80
C GLN A 181 4.90 8.50 -15.96
N ILE A 182 6.03 9.16 -16.19
CA ILE A 182 7.24 8.41 -16.34
C ILE A 182 8.35 8.85 -15.42
N SER A 183 8.18 9.94 -14.69
CA SER A 183 9.14 10.27 -13.62
C SER A 183 8.46 10.96 -12.46
N TYR A 184 9.02 10.83 -11.27
CA TYR A 184 8.47 11.51 -10.12
C TYR A 184 8.77 12.98 -10.26
N SER A 185 9.78 13.32 -11.05
CA SER A 185 10.14 14.70 -11.27
C SER A 185 9.11 15.40 -12.12
N GLY A 186 8.12 14.67 -12.63
CA GLY A 186 7.03 15.27 -13.37
C GLY A 186 7.02 15.11 -14.86
N VAL A 187 7.78 14.18 -15.41
CA VAL A 187 7.73 13.93 -16.82
C VAL A 187 6.56 13.01 -17.13
N PHE A 188 5.75 13.39 -18.09
CA PHE A 188 4.61 12.62 -18.53
C PHE A 188 4.64 12.51 -20.02
N VAL A 189 4.07 11.44 -20.54
CA VAL A 189 3.64 11.39 -21.95
C VAL A 189 2.21 11.90 -21.91
N HIS A 190 1.82 12.89 -22.71
CA HIS A 190 0.40 13.33 -22.66
C HIS A 190 -0.08 13.95 -23.95
N SER A 191 -1.39 14.11 -24.02
CA SER A 191 -2.03 14.66 -25.17
C SER A 191 -1.68 16.11 -25.27
N ALA A 192 -1.29 16.56 -26.44
CA ALA A 192 -0.91 17.96 -26.62
C ALA A 192 -1.56 18.45 -27.90
N PRO A 193 -2.88 18.79 -27.82
CA PRO A 193 -3.49 19.19 -29.08
C PRO A 193 -2.95 20.46 -29.69
N TRP A 194 -2.37 21.37 -28.93
CA TRP A 194 -1.91 22.62 -29.51
C TRP A 194 -0.63 22.49 -30.32
N SER A 195 0.15 21.44 -30.09
CA SER A 195 1.43 21.36 -30.73
C SER A 195 1.52 20.25 -31.73
N VAL A 196 0.42 19.80 -32.29
CA VAL A 196 0.49 18.74 -33.28
C VAL A 196 1.41 19.15 -34.46
N GLY A 197 1.38 20.40 -34.87
CA GLY A 197 2.24 20.85 -35.95
C GLY A 197 3.71 20.69 -35.65
N ALA A 198 4.11 20.95 -34.41
CA ALA A 198 5.48 20.87 -33.94
C ALA A 198 5.92 19.45 -33.66
N GLN A 199 4.98 18.56 -33.36
CA GLN A 199 5.34 17.20 -33.05
C GLN A 199 6.07 16.60 -34.24
N GLY A 200 7.23 16.01 -34.00
CA GLY A 200 8.04 15.44 -35.07
C GLY A 200 9.02 16.43 -35.63
N HIS A 201 9.02 17.67 -35.15
CA HIS A 201 9.85 18.74 -35.68
C HIS A 201 10.55 19.62 -34.69
N THR A 202 9.83 20.11 -33.69
CA THR A 202 10.37 21.06 -32.77
C THR A 202 10.02 20.71 -31.34
N ASN A 203 10.96 20.89 -30.42
CA ASN A 203 10.70 20.60 -29.00
C ASN A 203 10.13 21.84 -28.37
N THR A 204 8.97 21.71 -27.74
CA THR A 204 8.27 22.83 -27.14
C THR A 204 7.82 22.68 -25.68
N SER A 205 8.03 21.52 -25.06
CA SER A 205 7.50 21.28 -23.73
C SER A 205 8.39 21.69 -22.58
N HIS A 206 7.90 21.48 -21.36
CA HIS A 206 8.68 21.75 -20.19
C HIS A 206 9.41 20.51 -19.76
N GLY A 207 9.36 19.48 -20.60
CA GLY A 207 10.05 18.23 -20.29
C GLY A 207 9.26 17.03 -20.67
N CYS A 208 7.94 17.18 -20.70
CA CYS A 208 7.08 16.12 -21.08
C CYS A 208 7.27 15.71 -22.53
N LEU A 209 6.83 14.50 -22.81
CA LEU A 209 6.77 13.93 -24.15
C LEU A 209 5.40 14.21 -24.69
N ASN A 210 5.29 15.26 -25.50
CA ASN A 210 4.01 15.64 -26.05
C ASN A 210 3.71 14.97 -27.39
N VAL A 211 2.54 14.38 -27.48
CA VAL A 211 2.07 13.64 -28.64
C VAL A 211 0.63 13.98 -28.94
N SER A 212 0.11 13.46 -30.03
CA SER A 212 -1.26 13.75 -30.41
C SER A 212 -2.28 13.15 -29.45
N PRO A 213 -3.48 13.73 -29.40
CA PRO A 213 -4.52 13.17 -28.61
C PRO A 213 -4.76 11.73 -28.81
N SER A 214 -4.83 11.22 -30.04
CA SER A 214 -5.08 9.82 -30.19
C SER A 214 -3.89 8.98 -29.81
N ASN A 215 -2.69 9.48 -30.07
CA ASN A 215 -1.50 8.75 -29.69
C ASN A 215 -1.35 8.73 -28.18
N ALA A 216 -1.72 9.81 -27.50
CA ALA A 216 -1.63 9.82 -26.04
C ALA A 216 -2.63 8.86 -25.43
N GLN A 217 -3.83 8.79 -26.01
CA GLN A 217 -4.81 7.85 -25.52
C GLN A 217 -4.34 6.42 -25.76
N TRP A 218 -3.69 6.17 -26.89
CA TRP A 218 -3.20 4.86 -27.18
C TRP A 218 -2.18 4.45 -26.14
N PHE A 219 -1.28 5.38 -25.83
CA PHE A 219 -0.22 5.12 -24.86
C PHE A 219 -0.81 4.78 -23.50
N TYR A 220 -1.80 5.57 -23.09
CA TYR A 220 -2.47 5.36 -21.82
C TYR A 220 -3.10 4.00 -21.76
N ASP A 221 -3.65 3.58 -22.88
CA ASP A 221 -4.29 2.28 -22.95
C ASP A 221 -3.34 1.10 -23.08
N HIS A 222 -2.21 1.26 -23.75
CA HIS A 222 -1.33 0.11 -24.02
C HIS A 222 -0.03 0.08 -23.33
N VAL A 223 0.33 1.14 -22.66
CA VAL A 223 1.55 1.09 -21.95
C VAL A 223 1.08 0.95 -20.51
N LYS A 224 1.74 0.11 -19.73
CA LYS A 224 1.27 -0.15 -18.37
C LYS A 224 2.36 0.11 -17.38
N ARG A 225 1.97 0.17 -16.12
CA ARG A 225 2.91 0.28 -15.02
C ARG A 225 4.05 -0.71 -15.21
N GLY A 226 5.28 -0.25 -15.15
CA GLY A 226 6.44 -1.13 -15.27
C GLY A 226 7.01 -1.24 -16.66
N ASP A 227 6.28 -0.79 -17.66
CA ASP A 227 6.83 -0.80 -19.01
C ASP A 227 7.92 0.28 -19.01
N ILE A 228 8.70 0.33 -20.07
CA ILE A 228 9.88 1.19 -20.14
C ILE A 228 9.76 2.24 -21.22
N VAL A 229 10.24 3.45 -20.92
CA VAL A 229 10.42 4.52 -21.92
C VAL A 229 11.89 4.87 -21.87
N GLU A 230 12.58 4.80 -22.99
CA GLU A 230 13.99 5.22 -23.04
C GLU A 230 14.06 6.50 -23.84
N VAL A 231 14.70 7.52 -23.35
CA VAL A 231 14.86 8.77 -24.08
C VAL A 231 16.30 8.84 -24.50
N VAL A 232 16.51 9.17 -25.75
CA VAL A 232 17.85 9.26 -26.32
C VAL A 232 18.06 10.51 -27.15
N ASN A 233 19.31 10.94 -27.20
CA ASN A 233 19.75 12.02 -28.06
C ASN A 233 19.27 13.43 -27.75
N THR A 234 18.74 13.70 -26.55
CA THR A 234 18.37 15.07 -26.24
C THR A 234 19.54 15.86 -25.78
N VAL A 235 19.29 17.17 -25.60
CA VAL A 235 20.32 18.05 -25.07
C VAL A 235 20.41 18.00 -23.57
N GLY A 236 19.56 17.21 -22.92
CA GLY A 236 19.55 17.14 -21.48
C GLY A 236 20.63 16.27 -20.87
N GLY A 237 20.61 16.14 -19.56
CA GLY A 237 21.52 15.23 -18.89
C GLY A 237 20.85 13.88 -18.86
N THR A 238 21.06 13.14 -17.78
CA THR A 238 20.46 11.84 -17.58
C THR A 238 19.56 11.88 -16.38
N LEU A 239 18.47 11.13 -16.44
CA LEU A 239 17.53 11.08 -15.34
C LEU A 239 18.18 10.51 -14.09
N PRO A 240 17.95 11.16 -12.92
CA PRO A 240 18.59 10.61 -11.73
C PRO A 240 18.12 9.24 -11.33
N GLY A 241 19.04 8.39 -10.93
CA GLY A 241 18.68 7.08 -10.52
C GLY A 241 17.74 6.98 -9.35
N ILE A 242 17.73 7.98 -8.47
CA ILE A 242 16.84 7.95 -7.34
C ILE A 242 15.60 8.80 -7.51
N ASP A 243 15.24 9.09 -8.75
CA ASP A 243 14.03 9.81 -9.03
C ASP A 243 12.80 9.21 -8.38
N GLY A 244 12.65 7.90 -8.48
CA GLY A 244 11.48 7.21 -8.07
C GLY A 244 11.07 6.28 -9.17
N LEU A 245 11.31 6.70 -10.41
CA LEU A 245 11.09 5.85 -11.57
C LEU A 245 12.32 5.78 -12.42
N GLY A 246 13.48 6.15 -11.86
CA GLY A 246 14.71 6.17 -12.59
C GLY A 246 15.71 5.10 -12.20
N ASP A 247 15.24 4.05 -11.51
CA ASP A 247 16.12 3.01 -10.97
C ASP A 247 17.11 2.44 -11.94
N TRP A 248 16.75 2.28 -13.20
CA TRP A 248 17.64 1.62 -14.13
C TRP A 248 18.82 2.46 -14.60
N ASN A 249 18.82 3.73 -14.24
CA ASN A 249 19.99 4.57 -14.50
C ASN A 249 21.10 4.44 -13.49
N ILE A 250 20.87 3.64 -12.44
CA ILE A 250 21.96 3.27 -11.55
C ILE A 250 22.53 1.99 -12.11
N PRO A 251 23.84 2.01 -12.53
CA PRO A 251 24.41 0.80 -13.09
C PRO A 251 24.38 -0.38 -12.12
N TRP A 252 24.28 -1.57 -12.66
CA TRP A 252 24.12 -2.75 -11.83
C TRP A 252 25.20 -2.90 -10.80
N ASP A 253 26.45 -2.68 -11.17
CA ASP A 253 27.46 -2.84 -10.16
C ASP A 253 27.24 -1.95 -8.95
N GLN A 254 26.79 -0.72 -9.13
CA GLN A 254 26.50 0.15 -8.04
C GLN A 254 25.23 -0.31 -7.32
N TRP A 255 24.23 -0.71 -8.09
CA TRP A 255 22.98 -1.12 -7.49
C TRP A 255 23.22 -2.31 -6.59
N ARG A 256 23.90 -3.30 -7.11
CA ARG A 256 24.13 -4.53 -6.40
C ARG A 256 24.93 -4.31 -5.12
N ALA A 257 25.90 -3.42 -5.13
CA ALA A 257 26.66 -3.15 -3.92
C ALA A 257 25.75 -2.56 -2.86
N GLY A 258 24.70 -1.87 -3.25
CA GLY A 258 23.73 -1.36 -2.31
C GLY A 258 24.16 -0.14 -1.52
N ASN A 259 23.31 0.22 -0.57
CA ASN A 259 23.58 1.35 0.28
C ASN A 259 22.99 1.15 1.68
N ALA A 260 23.10 -0.06 2.19
CA ALA A 260 22.49 -0.45 3.43
C ALA A 260 23.14 0.24 4.62
N LYS A 261 24.34 0.77 4.46
CA LYS A 261 24.96 1.54 5.56
C LYS A 261 24.91 3.04 5.34
N ALA A 262 24.07 3.55 4.45
CA ALA A 262 24.07 5.01 4.08
C ALA A 262 22.80 5.79 4.36
N HIS B 4 7.08 18.23 0.56
CA HIS B 4 5.90 19.01 0.12
C HIS B 4 4.95 18.16 -0.71
N LEU B 5 5.31 16.89 -0.91
CA LEU B 5 4.45 15.96 -1.59
C LEU B 5 4.14 14.82 -0.64
N THR B 6 2.94 14.24 -0.71
CA THR B 6 2.61 13.10 0.16
C THR B 6 1.83 12.03 -0.63
N MET B 7 2.21 10.78 -0.42
N MET B 7 2.26 10.78 -0.48
N MET B 7 2.23 10.74 -0.50
CA MET B 7 1.65 9.65 -1.11
CA MET B 7 1.65 9.64 -1.15
CA MET B 7 1.59 9.63 -1.21
C MET B 7 0.60 9.00 -0.22
C MET B 7 0.61 8.96 -0.25
C MET B 7 0.58 8.97 -0.28
N PRO B 8 -0.60 8.77 -0.76
CA PRO B 8 -1.57 7.96 -0.06
C PRO B 8 -1.42 6.46 -0.37
N TYR B 9 -1.98 5.65 0.51
CA TYR B 9 -2.04 4.20 0.36
C TYR B 9 -3.39 3.77 0.85
N VAL B 10 -4.09 2.94 0.08
CA VAL B 10 -5.41 2.55 0.47
C VAL B 10 -5.48 1.04 0.80
N MET B 11 -6.27 0.72 1.81
N MET B 11 -6.29 0.73 1.79
CA MET B 11 -6.52 -0.66 2.18
CA MET B 11 -6.55 -0.64 2.17
C MET B 11 -8.00 -0.81 2.45
C MET B 11 -8.05 -0.76 2.26
N PRO B 12 -8.59 -1.96 2.10
CA PRO B 12 -8.01 -3.19 1.59
C PRO B 12 -7.49 -3.07 0.18
N GLY B 13 -6.66 -4.02 -0.21
CA GLY B 13 -6.04 -4.02 -1.52
C GLY B 13 -7.02 -4.37 -2.60
N ASP B 14 -6.72 -3.97 -3.82
CA ASP B 14 -7.59 -4.19 -4.92
C ASP B 14 -7.89 -5.67 -5.10
N GLY B 15 -9.17 -6.03 -5.22
CA GLY B 15 -9.53 -7.41 -5.46
C GLY B 15 -9.69 -8.28 -4.22
N GLU B 16 -9.39 -7.73 -3.05
CA GLU B 16 -9.53 -8.51 -1.84
C GLU B 16 -10.97 -8.78 -1.47
N VAL B 17 -11.20 -9.86 -0.73
CA VAL B 17 -12.46 -10.14 -0.11
C VAL B 17 -12.21 -10.00 1.39
N VAL B 18 -12.99 -9.17 2.05
CA VAL B 18 -12.79 -8.89 3.47
C VAL B 18 -14.06 -9.04 4.26
N GLY B 19 -13.92 -9.22 5.56
CA GLY B 19 -15.07 -9.43 6.41
C GLY B 19 -15.93 -8.20 6.70
N VAL B 20 -17.04 -8.39 7.35
CA VAL B 20 -18.05 -7.36 7.52
C VAL B 20 -17.67 -6.23 8.43
N GLY B 21 -16.54 -6.34 9.13
CA GLY B 21 -16.06 -5.31 9.97
C GLY B 21 -14.98 -4.45 9.39
N GLU B 22 -14.56 -4.73 8.15
CA GLU B 22 -13.39 -4.03 7.58
C GLU B 22 -13.63 -2.58 7.17
N PRO B 23 -12.94 -1.62 7.81
CA PRO B 23 -13.10 -0.26 7.31
C PRO B 23 -12.24 -0.01 6.10
N VAL B 24 -12.57 1.03 5.34
CA VAL B 24 -11.67 1.49 4.30
C VAL B 24 -10.64 2.30 5.01
N ALA B 25 -9.39 2.14 4.67
CA ALA B 25 -8.33 2.87 5.32
C ALA B 25 -7.48 3.60 4.29
N ILE B 26 -7.28 4.90 4.53
CA ILE B 26 -6.44 5.69 3.64
C ILE B 26 -5.35 6.22 4.53
N ARG B 27 -4.13 5.79 4.23
CA ARG B 27 -2.99 6.16 5.03
C ARG B 27 -2.05 7.06 4.27
N PHE B 28 -1.58 8.10 4.93
CA PHE B 28 -0.72 9.06 4.27
C PHE B 28 0.68 8.94 4.83
N ASP B 29 1.66 9.30 4.02
CA ASP B 29 3.05 9.26 4.47
C ASP B 29 3.55 10.55 5.10
N GLU B 30 2.63 11.47 5.40
CA GLU B 30 2.92 12.71 6.13
C GLU B 30 1.65 13.09 6.88
N ASN B 31 1.77 13.81 8.00
CA ASN B 31 0.59 14.27 8.75
C ASN B 31 -0.21 15.14 7.82
N ILE B 32 -1.53 15.14 7.94
CA ILE B 32 -2.40 15.92 7.08
C ILE B 32 -2.94 17.11 7.86
N ALA B 33 -2.71 18.31 7.37
CA ALA B 33 -3.13 19.49 8.09
C ALA B 33 -4.57 19.79 7.80
N ASP B 34 -5.00 19.54 6.58
CA ASP B 34 -6.34 19.84 6.21
C ASP B 34 -7.09 18.53 6.00
N ARG B 35 -7.61 17.98 7.08
CA ARG B 35 -8.33 16.70 7.00
C ARG B 35 -9.54 16.78 6.12
N GLY B 36 -10.18 17.93 6.08
CA GLY B 36 -11.34 18.10 5.27
C GLY B 36 -11.03 18.01 3.82
N ALA B 37 -9.88 18.51 3.39
CA ALA B 37 -9.53 18.44 1.98
C ALA B 37 -9.26 17.00 1.60
N ALA B 38 -8.68 16.26 2.51
CA ALA B 38 -8.41 14.85 2.23
C ALA B 38 -9.71 14.10 2.08
N GLU B 39 -10.66 14.34 2.97
CA GLU B 39 -11.93 13.65 2.89
C GLU B 39 -12.66 13.97 1.60
N LYS B 40 -12.63 15.22 1.17
CA LYS B 40 -13.35 15.60 -0.01
C LYS B 40 -12.76 14.95 -1.24
N ALA B 41 -11.48 14.66 -1.18
CA ALA B 41 -10.81 14.04 -2.28
C ALA B 41 -11.00 12.54 -2.34
N ILE B 42 -11.63 11.92 -1.34
CA ILE B 42 -11.79 10.48 -1.34
C ILE B 42 -13.23 10.14 -1.65
N LYS B 43 -13.47 9.44 -2.76
CA LYS B 43 -14.81 9.11 -3.16
C LYS B 43 -15.09 7.63 -2.98
N ILE B 44 -16.06 7.27 -2.15
CA ILE B 44 -16.40 5.89 -1.95
C ILE B 44 -17.78 5.58 -2.51
N THR B 45 -17.88 4.49 -3.25
CA THR B 45 -19.10 4.06 -3.84
C THR B 45 -19.37 2.68 -3.35
N THR B 46 -20.61 2.37 -3.04
CA THR B 46 -20.99 1.07 -2.54
C THR B 46 -22.19 0.52 -3.29
N ASN B 47 -22.24 -0.79 -3.42
CA ASN B 47 -23.32 -1.46 -4.09
C ASN B 47 -23.56 -2.84 -3.44
N PRO B 48 -24.66 -3.07 -2.70
CA PRO B 48 -25.67 -2.03 -2.53
C PRO B 48 -25.25 -0.77 -1.83
N PRO B 49 -25.84 0.39 -2.20
CA PRO B 49 -25.43 1.61 -1.52
C PRO B 49 -25.75 1.66 -0.03
N VAL B 50 -24.78 2.14 0.73
CA VAL B 50 -24.94 2.28 2.15
C VAL B 50 -24.23 3.54 2.59
N GLU B 51 -24.79 4.23 3.56
CA GLU B 51 -24.20 5.44 4.07
C GLU B 51 -22.95 5.13 4.88
N GLY B 52 -21.98 6.00 4.81
CA GLY B 52 -20.76 5.84 5.61
C GLY B 52 -20.14 7.15 5.92
N ALA B 53 -19.07 7.14 6.68
CA ALA B 53 -18.42 8.37 7.09
C ALA B 53 -16.97 8.20 7.48
N PHE B 54 -16.21 9.29 7.45
CA PHE B 54 -14.79 9.32 7.75
C PHE B 54 -14.51 9.63 9.22
N TYR B 55 -13.50 9.01 9.78
CA TYR B 55 -13.05 9.33 11.12
C TYR B 55 -11.57 9.07 11.16
N TRP B 56 -10.79 9.99 11.73
CA TRP B 56 -9.34 9.89 11.73
C TRP B 56 -8.82 9.15 12.96
N LEU B 57 -8.00 8.13 12.74
CA LEU B 57 -7.43 7.41 13.88
C LEU B 57 -6.19 8.11 14.39
N ASN B 58 -5.53 8.86 13.52
CA ASN B 58 -4.35 9.60 13.86
C ASN B 58 -4.11 10.60 12.76
N ASN B 59 -3.03 11.36 12.87
CA ASN B 59 -2.79 12.41 11.91
C ASN B 59 -2.48 11.94 10.50
N ARG B 60 -2.24 10.64 10.33
CA ARG B 60 -1.90 10.13 9.06
C ARG B 60 -2.85 9.12 8.50
N GLU B 61 -3.90 8.73 9.21
CA GLU B 61 -4.77 7.67 8.70
C GLU B 61 -6.23 7.99 8.94
N VAL B 62 -7.03 7.94 7.89
CA VAL B 62 -8.44 8.13 8.05
C VAL B 62 -9.12 6.82 7.71
N ARG B 63 -10.26 6.58 8.33
CA ARG B 63 -11.02 5.34 8.13
C ARG B 63 -12.41 5.68 7.69
N TRP B 64 -13.06 4.82 6.92
CA TRP B 64 -14.43 5.05 6.53
C TRP B 64 -15.16 3.77 6.72
N ARG B 65 -16.34 3.85 7.31
CA ARG B 65 -17.14 2.69 7.47
C ARG B 65 -18.61 3.04 7.61
N PRO B 66 -19.49 2.03 7.43
CA PRO B 66 -20.90 2.31 7.68
C PRO B 66 -21.31 2.29 9.16
N GLU B 67 -22.59 2.53 9.45
CA GLU B 67 -23.10 2.52 10.80
C GLU B 67 -23.10 1.14 11.41
N HIS B 68 -23.46 0.17 10.60
CA HIS B 68 -23.50 -1.24 10.99
C HIS B 68 -22.51 -2.01 10.15
N PHE B 69 -22.24 -3.24 10.55
CA PHE B 69 -21.34 -4.08 9.81
C PHE B 69 -21.83 -4.12 8.38
N TRP B 70 -20.90 -4.30 7.47
CA TRP B 70 -21.25 -4.37 6.06
C TRP B 70 -22.12 -5.54 5.76
N LYS B 71 -22.93 -5.43 4.70
CA LYS B 71 -23.71 -6.52 4.22
C LYS B 71 -22.86 -7.39 3.28
N PRO B 72 -22.81 -8.71 3.51
CA PRO B 72 -22.03 -9.59 2.64
C PRO B 72 -22.36 -9.43 1.17
N GLY B 73 -21.35 -9.52 0.33
CA GLY B 73 -21.52 -9.33 -1.11
C GLY B 73 -21.43 -7.91 -1.60
N THR B 74 -21.38 -6.95 -0.71
CA THR B 74 -21.30 -5.55 -1.08
C THR B 74 -20.02 -5.27 -1.83
N ALA B 75 -20.11 -4.54 -2.95
CA ALA B 75 -18.94 -4.19 -3.73
C ALA B 75 -18.59 -2.78 -3.40
N VAL B 76 -17.33 -2.52 -3.11
CA VAL B 76 -16.89 -1.22 -2.68
C VAL B 76 -15.82 -0.68 -3.62
N ASP B 77 -15.99 0.56 -4.06
CA ASP B 77 -15.01 1.23 -4.89
C ASP B 77 -14.52 2.44 -4.15
N VAL B 78 -13.21 2.60 -4.08
CA VAL B 78 -12.60 3.72 -3.42
C VAL B 78 -11.68 4.43 -4.45
N ALA B 79 -11.88 5.72 -4.63
CA ALA B 79 -11.03 6.49 -5.52
C ALA B 79 -10.44 7.59 -4.68
N VAL B 80 -9.16 7.50 -4.41
CA VAL B 80 -8.48 8.49 -3.63
C VAL B 80 -7.89 9.46 -4.63
N ASN B 81 -8.59 10.53 -4.90
CA ASN B 81 -8.21 11.46 -5.95
C ASN B 81 -7.42 12.62 -5.41
N THR B 82 -6.30 12.33 -4.81
CA THR B 82 -5.50 13.32 -4.15
C THR B 82 -4.41 13.98 -5.01
N TYR B 83 -4.24 13.60 -6.27
CA TYR B 83 -3.14 14.16 -7.05
C TYR B 83 -3.26 15.65 -7.10
N GLY B 84 -2.22 16.34 -6.68
CA GLY B 84 -2.24 17.79 -6.73
C GLY B 84 -3.23 18.48 -5.84
N VAL B 85 -3.77 17.79 -4.85
CA VAL B 85 -4.71 18.43 -3.95
C VAL B 85 -3.93 19.05 -2.82
N ASP B 86 -4.34 20.25 -2.42
CA ASP B 86 -3.70 20.97 -1.34
C ASP B 86 -4.18 20.41 -0.04
N LEU B 87 -3.30 19.73 0.68
CA LEU B 87 -3.63 19.09 1.93
C LEU B 87 -3.18 19.93 3.11
N GLY B 88 -2.88 21.19 2.83
CA GLY B 88 -2.56 22.12 3.88
C GLY B 88 -1.09 22.27 4.17
N GLU B 89 -0.73 23.43 4.73
CA GLU B 89 0.63 23.68 5.14
C GLU B 89 1.65 23.39 4.05
N GLY B 90 1.31 23.68 2.81
CA GLY B 90 2.25 23.48 1.74
C GLY B 90 2.44 22.07 1.20
N MET B 91 1.70 21.10 1.75
N MET B 91 1.76 21.08 1.78
N MET B 91 1.74 21.07 1.77
CA MET B 91 1.74 19.69 1.36
CA MET B 91 1.80 19.69 1.30
CA MET B 91 1.82 19.68 1.34
C MET B 91 0.68 19.44 0.29
C MET B 91 0.70 19.45 0.28
C MET B 91 0.70 19.39 0.32
N PHE B 92 1.09 18.77 -0.79
CA PHE B 92 0.17 18.41 -1.87
C PHE B 92 0.16 16.91 -2.15
N GLY B 93 -0.94 16.43 -2.71
CA GLY B 93 -1.04 15.00 -3.00
C GLY B 93 -0.17 14.64 -4.18
N GLU B 94 0.59 13.55 -4.06
CA GLU B 94 1.55 13.10 -5.05
C GLU B 94 0.94 12.27 -6.19
N ASP B 95 -0.19 11.60 -5.92
N ASP B 95 -0.16 11.57 -5.87
CA ASP B 95 -0.79 10.68 -6.85
CA ASP B 95 -0.77 10.64 -6.79
C ASP B 95 -2.18 10.37 -6.38
C ASP B 95 -2.17 10.34 -6.35
N ASN B 96 -2.86 9.67 -7.24
CA ASN B 96 -4.12 9.10 -6.91
C ASN B 96 -3.96 7.60 -6.65
N VAL B 97 -4.87 7.03 -5.85
CA VAL B 97 -4.88 5.59 -5.73
C VAL B 97 -6.31 5.12 -5.74
N GLN B 98 -6.48 3.82 -5.98
CA GLN B 98 -7.81 3.28 -5.97
C GLN B 98 -7.83 1.83 -5.57
N THR B 99 -9.01 1.35 -5.23
CA THR B 99 -9.17 -0.05 -4.89
C THR B 99 -10.61 -0.41 -5.09
N HIS B 100 -10.83 -1.67 -5.45
CA HIS B 100 -12.16 -2.22 -5.54
C HIS B 100 -12.09 -3.51 -4.77
N PHE B 101 -12.98 -3.69 -3.81
CA PHE B 101 -13.00 -4.90 -3.02
C PHE B 101 -14.42 -5.37 -2.74
N THR B 102 -14.57 -6.54 -2.12
CA THR B 102 -15.87 -7.10 -1.88
C THR B 102 -15.96 -7.61 -0.43
N ILE B 103 -17.15 -7.53 0.14
CA ILE B 103 -17.37 -8.01 1.48
C ILE B 103 -17.74 -9.46 1.42
N GLY B 104 -17.13 -10.26 2.27
CA GLY B 104 -17.35 -11.69 2.33
C GLY B 104 -18.50 -12.04 3.23
N ASP B 105 -18.58 -13.30 3.61
CA ASP B 105 -19.62 -13.76 4.50
C ASP B 105 -19.51 -13.06 5.84
N GLU B 106 -20.60 -13.06 6.58
CA GLU B 106 -20.60 -12.48 7.93
C GLU B 106 -20.02 -13.50 8.88
N VAL B 107 -18.87 -13.20 9.46
CA VAL B 107 -18.23 -14.12 10.39
C VAL B 107 -18.05 -13.36 11.66
N ILE B 108 -18.73 -13.77 12.72
CA ILE B 108 -18.66 -13.08 13.99
C ILE B 108 -18.40 -14.10 15.05
N ALA B 109 -17.28 -13.95 15.74
CA ALA B 109 -16.91 -14.85 16.84
C ALA B 109 -17.11 -14.12 18.15
N THR B 110 -17.78 -14.73 19.09
CA THR B 110 -18.04 -14.08 20.37
C THR B 110 -17.33 -14.87 21.46
N ALA B 111 -16.47 -14.21 22.22
CA ALA B 111 -15.73 -14.82 23.32
C ALA B 111 -16.40 -14.32 24.58
N ASP B 112 -17.05 -15.23 25.30
CA ASP B 112 -17.84 -14.86 26.47
C ASP B 112 -17.15 -15.34 27.72
N ASP B 113 -16.77 -14.44 28.59
CA ASP B 113 -16.05 -14.81 29.82
C ASP B 113 -16.91 -15.52 30.81
N ASN B 114 -18.22 -15.42 30.70
CA ASN B 114 -19.10 -16.14 31.62
C ASN B 114 -19.15 -17.60 31.27
N THR B 115 -18.96 -17.96 30.02
CA THR B 115 -18.95 -19.39 29.63
C THR B 115 -17.56 -19.88 29.33
N LYS B 116 -16.63 -18.96 29.08
CA LYS B 116 -15.28 -19.25 28.65
C LYS B 116 -15.26 -20.05 27.37
N ILE B 117 -16.13 -19.67 26.47
N ILE B 117 -16.14 -19.67 26.48
CA ILE B 117 -16.23 -20.27 25.18
CA ILE B 117 -16.24 -20.27 25.19
C ILE B 117 -16.25 -19.17 24.12
C ILE B 117 -16.26 -19.15 24.17
N LEU B 118 -15.50 -19.39 23.06
CA LEU B 118 -15.43 -18.56 21.81
C LEU B 118 -16.30 -19.27 20.76
N THR B 119 -17.40 -18.67 20.41
CA THR B 119 -18.33 -19.27 19.47
C THR B 119 -18.24 -18.53 18.15
N VAL B 120 -18.01 -19.26 17.07
CA VAL B 120 -17.94 -18.63 15.74
C VAL B 120 -19.25 -18.81 14.96
N ARG B 121 -19.86 -17.74 14.49
N ARG B 121 -19.93 -17.74 14.51
CA ARG B 121 -21.09 -17.82 13.68
CA ARG B 121 -21.11 -17.87 13.65
C ARG B 121 -20.85 -17.26 12.28
C ARG B 121 -20.75 -17.36 12.27
N VAL B 122 -21.25 -18.04 11.27
CA VAL B 122 -21.05 -17.70 9.86
C VAL B 122 -22.44 -17.50 9.33
N ASN B 123 -22.75 -16.27 8.93
CA ASN B 123 -24.14 -15.88 8.53
C ASN B 123 -25.22 -16.34 9.52
N GLY B 124 -24.92 -16.08 10.79
CA GLY B 124 -25.81 -16.39 11.89
C GLY B 124 -25.79 -17.81 12.41
N GLU B 125 -25.12 -18.74 11.77
CA GLU B 125 -25.13 -20.12 12.23
C GLU B 125 -23.84 -20.46 12.94
N VAL B 126 -23.93 -21.19 14.04
CA VAL B 126 -22.75 -21.65 14.74
C VAL B 126 -22.02 -22.72 13.96
N VAL B 127 -20.75 -22.50 13.72
CA VAL B 127 -19.94 -23.47 13.01
C VAL B 127 -18.84 -24.02 13.88
N LYS B 128 -18.56 -23.37 15.01
CA LYS B 128 -17.50 -23.79 15.86
C LYS B 128 -17.65 -23.19 17.25
N SER B 129 -17.32 -23.99 18.27
CA SER B 129 -17.30 -23.58 19.65
C SER B 129 -15.98 -24.00 20.18
N MET B 130 -15.28 -23.10 20.83
CA MET B 130 -14.01 -23.48 21.38
C MET B 130 -13.78 -22.97 22.78
N PRO B 131 -13.36 -23.85 23.68
CA PRO B 131 -12.98 -23.33 24.99
C PRO B 131 -11.82 -22.36 24.90
N THR B 132 -11.79 -21.35 25.76
CA THR B 132 -10.73 -20.39 25.72
C THR B 132 -10.28 -19.98 27.11
N SER B 133 -9.07 -19.47 27.18
CA SER B 133 -8.52 -18.89 28.38
C SER B 133 -8.09 -17.50 27.99
N MET B 134 -8.68 -16.50 28.61
CA MET B 134 -8.41 -15.14 28.26
C MET B 134 -7.53 -14.48 29.30
N GLY B 135 -7.45 -13.18 29.27
CA GLY B 135 -6.56 -12.48 30.18
C GLY B 135 -6.86 -12.69 31.64
N LYS B 136 -5.84 -13.01 32.42
CA LYS B 136 -5.95 -13.06 33.87
C LYS B 136 -6.32 -11.68 34.46
N ASP B 137 -6.83 -11.70 35.69
CA ASP B 137 -7.46 -10.50 36.26
C ASP B 137 -6.53 -9.30 36.23
N SER B 138 -5.23 -9.49 36.44
CA SER B 138 -4.29 -8.34 36.41
C SER B 138 -4.00 -7.80 34.99
N THR B 139 -4.28 -8.60 33.96
CA THR B 139 -4.02 -8.20 32.57
C THR B 139 -5.20 -8.71 31.75
N PRO B 140 -6.40 -8.18 32.04
CA PRO B 140 -7.58 -8.80 31.42
C PRO B 140 -7.77 -8.46 29.95
N THR B 141 -8.61 -9.23 29.28
CA THR B 141 -8.94 -8.96 27.90
C THR B 141 -10.03 -7.93 27.92
N ALA B 142 -9.89 -6.85 27.16
CA ALA B 142 -10.94 -5.84 27.12
C ALA B 142 -12.18 -6.31 26.42
N ASN B 143 -13.34 -5.90 26.88
CA ASN B 143 -14.59 -6.18 26.19
C ASN B 143 -14.71 -5.31 24.98
N GLY B 144 -15.48 -5.71 24.02
CA GLY B 144 -15.76 -4.83 22.90
C GLY B 144 -15.70 -5.54 21.59
N ILE B 145 -15.64 -4.78 20.52
CA ILE B 145 -15.63 -5.29 19.18
C ILE B 145 -14.26 -5.14 18.60
N TYR B 146 -13.67 -6.23 18.13
CA TYR B 146 -12.34 -6.26 17.53
C TYR B 146 -12.42 -6.66 16.06
N ILE B 147 -11.67 -6.02 15.19
CA ILE B 147 -11.59 -6.40 13.79
C ILE B 147 -10.39 -7.30 13.58
N VAL B 148 -10.58 -8.39 12.87
CA VAL B 148 -9.49 -9.28 12.57
C VAL B 148 -8.52 -8.65 11.62
N GLY B 149 -7.23 -8.78 11.94
CA GLY B 149 -6.17 -8.25 11.13
C GLY B 149 -5.34 -9.35 10.47
N SER B 150 -4.06 -9.32 10.69
CA SER B 150 -3.15 -10.27 10.09
C SER B 150 -3.19 -11.62 10.74
N ARG B 151 -2.71 -12.62 10.04
CA ARG B 151 -2.59 -13.95 10.60
C ARG B 151 -1.23 -14.50 10.35
N TYR B 152 -0.80 -15.36 11.23
CA TYR B 152 0.54 -15.91 11.18
C TYR B 152 0.53 -17.39 11.52
N LYS B 153 1.14 -18.22 10.69
CA LYS B 153 1.21 -19.62 10.99
C LYS B 153 2.07 -19.84 12.21
N HIS B 154 3.12 -19.03 12.33
CA HIS B 154 3.98 -19.09 13.46
C HIS B 154 4.62 -17.72 13.69
N ILE B 155 4.70 -17.31 14.93
CA ILE B 155 5.42 -16.07 15.28
C ILE B 155 6.04 -16.13 16.63
N ILE B 156 6.99 -15.24 16.85
CA ILE B 156 7.58 -15.07 18.13
C ILE B 156 6.84 -13.91 18.67
N MET B 157 6.03 -14.14 19.68
CA MET B 157 5.26 -13.09 20.28
C MET B 157 6.15 -12.49 21.35
N ASP B 158 6.54 -11.24 21.19
CA ASP B 158 7.50 -10.55 22.08
C ASP B 158 6.92 -9.23 22.51
N SER B 159 6.75 -9.06 23.83
CA SER B 159 6.13 -7.88 24.36
C SER B 159 6.93 -6.64 24.09
N SER B 160 8.23 -6.77 23.84
CA SER B 160 9.02 -5.62 23.54
C SER B 160 8.60 -4.97 22.23
N THR B 161 7.92 -5.71 21.36
CA THR B 161 7.42 -5.10 20.16
C THR B 161 6.40 -4.05 20.48
N TYR B 162 5.68 -4.21 21.58
CA TYR B 162 4.66 -3.29 21.99
C TYR B 162 5.12 -2.39 23.13
N GLY B 163 6.43 -2.26 23.32
CA GLY B 163 6.97 -1.40 24.36
C GLY B 163 7.01 -1.97 25.77
N VAL B 164 6.86 -3.28 25.91
CA VAL B 164 6.86 -3.86 27.25
C VAL B 164 8.03 -4.79 27.40
N PRO B 165 9.02 -4.41 28.28
CA PRO B 165 10.15 -5.32 28.38
C PRO B 165 9.80 -6.73 28.77
N VAL B 166 10.46 -7.71 28.17
CA VAL B 166 10.19 -9.10 28.43
C VAL B 166 10.43 -9.44 29.90
N ASN B 167 11.40 -8.78 30.52
CA ASN B 167 11.69 -9.07 31.91
C ASN B 167 10.89 -8.19 32.87
N SER B 168 9.83 -7.56 32.39
CA SER B 168 9.03 -6.75 33.27
C SER B 168 7.74 -7.52 33.62
N PRO B 169 6.89 -7.04 34.58
CA PRO B 169 5.83 -7.98 35.04
C PRO B 169 4.90 -8.50 34.01
N ASN B 170 4.55 -7.67 33.04
CA ASN B 170 3.63 -8.14 32.00
C ASN B 170 4.33 -8.47 30.72
N GLY B 171 5.62 -8.77 30.78
CA GLY B 171 6.39 -9.13 29.59
C GLY B 171 6.34 -10.57 29.21
N TYR B 172 6.75 -10.86 27.97
CA TYR B 172 6.71 -12.21 27.48
C TYR B 172 7.49 -12.30 26.19
N ARG B 173 7.99 -13.47 25.90
CA ARG B 173 8.56 -13.75 24.61
C ARG B 173 8.39 -15.21 24.41
N THR B 174 7.58 -15.61 23.44
CA THR B 174 7.43 -17.03 23.19
C THR B 174 6.95 -17.35 21.80
N ASP B 175 7.41 -18.46 21.24
CA ASP B 175 6.96 -18.88 19.92
C ASP B 175 5.53 -19.39 20.02
N VAL B 176 4.68 -18.97 19.10
CA VAL B 176 3.34 -19.50 19.11
C VAL B 176 2.94 -19.83 17.72
N ASP B 177 2.05 -20.81 17.63
CA ASP B 177 1.50 -21.20 16.36
C ASP B 177 0.10 -20.63 16.15
N TRP B 178 -0.29 -20.50 14.90
CA TRP B 178 -1.65 -20.19 14.51
C TRP B 178 -2.20 -18.97 15.19
N ALA B 179 -1.57 -17.85 14.95
CA ALA B 179 -1.94 -16.60 15.61
C ALA B 179 -2.71 -15.67 14.70
N THR B 180 -3.87 -15.22 15.15
CA THR B 180 -4.68 -14.27 14.40
C THR B 180 -4.75 -13.00 15.21
N GLN B 181 -4.30 -11.90 14.62
CA GLN B 181 -4.29 -10.61 15.30
C GLN B 181 -5.67 -10.01 15.37
N ILE B 182 -6.06 -9.49 16.53
CA ILE B 182 -7.33 -8.80 16.67
C ILE B 182 -7.19 -7.39 17.25
N SER B 183 -5.97 -6.97 17.63
CA SER B 183 -5.75 -5.58 18.01
C SER B 183 -4.35 -5.14 17.68
N TYR B 184 -4.17 -3.85 17.48
CA TYR B 184 -2.85 -3.29 17.21
C TYR B 184 -2.04 -3.33 18.47
N SER B 185 -2.70 -3.35 19.61
CA SER B 185 -1.99 -3.40 20.86
C SER B 185 -1.37 -4.76 21.14
N GLY B 186 -1.65 -5.77 20.33
CA GLY B 186 -1.00 -7.04 20.45
C GLY B 186 -1.84 -8.19 20.94
N VAL B 187 -3.16 -8.06 20.90
CA VAL B 187 -4.05 -9.14 21.25
C VAL B 187 -4.21 -10.07 20.06
N PHE B 188 -4.08 -11.36 20.30
CA PHE B 188 -4.22 -12.40 19.29
C PHE B 188 -5.11 -13.52 19.78
N VAL B 189 -5.69 -14.29 18.88
CA VAL B 189 -6.22 -15.61 19.16
C VAL B 189 -5.09 -16.52 18.78
N HIS B 190 -4.66 -17.42 19.63
CA HIS B 190 -3.56 -18.32 19.23
C HIS B 190 -3.56 -19.61 19.96
N SER B 191 -2.75 -20.53 19.46
CA SER B 191 -2.61 -21.85 20.04
C SER B 191 -1.85 -21.78 21.34
N ALA B 192 -2.34 -22.49 22.34
CA ALA B 192 -1.69 -22.49 23.64
C ALA B 192 -1.78 -23.89 24.23
N PRO B 193 -0.87 -24.80 23.76
CA PRO B 193 -1.01 -26.15 24.35
C PRO B 193 -0.77 -26.22 25.84
N TRP B 194 -0.01 -25.29 26.37
CA TRP B 194 0.29 -25.24 27.79
C TRP B 194 -0.93 -24.89 28.65
N SER B 195 -2.00 -24.37 28.08
CA SER B 195 -3.16 -24.00 28.93
C SER B 195 -4.43 -24.72 28.56
N VAL B 196 -4.35 -25.85 27.89
CA VAL B 196 -5.56 -26.54 27.51
C VAL B 196 -6.40 -26.91 28.70
N GLY B 197 -5.76 -27.22 29.82
CA GLY B 197 -6.46 -27.55 31.02
C GLY B 197 -7.31 -26.39 31.50
N ALA B 198 -6.78 -25.18 31.35
CA ALA B 198 -7.46 -24.02 31.84
C ALA B 198 -8.50 -23.48 30.88
N GLN B 199 -8.37 -23.77 29.60
CA GLN B 199 -9.30 -23.27 28.61
C GLN B 199 -10.68 -23.78 28.92
N GLY B 200 -11.66 -22.87 29.00
CA GLY B 200 -13.01 -23.20 29.38
C GLY B 200 -13.24 -23.06 30.85
N HIS B 201 -12.18 -22.77 31.64
CA HIS B 201 -12.28 -22.68 33.11
C HIS B 201 -11.64 -21.49 33.79
N THR B 202 -10.41 -21.18 33.46
CA THR B 202 -9.66 -20.17 34.11
C THR B 202 -8.91 -19.30 33.11
N ASN B 203 -8.88 -18.00 33.35
CA ASN B 203 -8.15 -17.05 32.52
C ASN B 203 -6.72 -16.99 32.96
N THR B 204 -5.79 -17.24 32.05
CA THR B 204 -4.38 -17.28 32.38
C THR B 204 -3.45 -16.43 31.52
N SER B 205 -3.95 -15.73 30.51
CA SER B 205 -3.09 -15.08 29.55
C SER B 205 -2.81 -13.62 29.90
N HIS B 206 -2.09 -12.95 29.00
CA HIS B 206 -1.79 -11.54 29.14
C HIS B 206 -2.82 -10.69 28.45
N GLY B 207 -3.87 -11.31 27.94
CA GLY B 207 -4.94 -10.64 27.25
C GLY B 207 -5.41 -11.37 26.01
N CYS B 208 -4.51 -12.17 25.45
CA CYS B 208 -4.78 -12.98 24.29
C CYS B 208 -5.86 -14.03 24.58
N LEU B 209 -6.48 -14.49 23.52
CA LEU B 209 -7.46 -15.55 23.61
C LEU B 209 -6.75 -16.85 23.30
N ASN B 210 -6.53 -17.60 24.35
N ASN B 210 -6.47 -17.64 24.29
CA ASN B 210 -5.88 -18.88 24.29
CA ASN B 210 -5.69 -18.81 24.09
C ASN B 210 -6.84 -19.98 23.89
C ASN B 210 -6.65 -19.98 23.95
N VAL B 211 -6.46 -20.73 22.89
CA VAL B 211 -7.30 -21.88 22.53
C VAL B 211 -6.42 -23.06 22.16
N SER B 212 -7.02 -24.20 21.88
CA SER B 212 -6.22 -25.36 21.56
C SER B 212 -5.58 -25.28 20.19
N PRO B 213 -4.56 -26.13 19.96
CA PRO B 213 -3.98 -26.09 18.63
C PRO B 213 -4.93 -26.35 17.50
N SER B 214 -5.83 -27.31 17.62
N SER B 214 -5.82 -27.33 17.64
CA SER B 214 -6.72 -27.60 16.55
CA SER B 214 -6.75 -27.62 16.61
C SER B 214 -7.70 -26.45 16.30
C SER B 214 -7.62 -26.43 16.32
N ASN B 215 -8.11 -25.82 17.40
CA ASN B 215 -9.04 -24.73 17.29
C ASN B 215 -8.38 -23.47 16.77
N ALA B 216 -7.13 -23.27 17.16
CA ALA B 216 -6.40 -22.11 16.69
C ALA B 216 -6.14 -22.20 15.19
N GLN B 217 -5.80 -23.40 14.74
CA GLN B 217 -5.59 -23.62 13.32
C GLN B 217 -6.90 -23.46 12.56
N TRP B 218 -8.01 -23.95 13.11
CA TRP B 218 -9.28 -23.75 12.44
C TRP B 218 -9.52 -22.29 12.27
N PHE B 219 -9.29 -21.54 13.33
CA PHE B 219 -9.52 -20.11 13.31
C PHE B 219 -8.63 -19.45 12.27
N TYR B 220 -7.37 -19.82 12.22
CA TYR B 220 -6.45 -19.26 11.23
C TYR B 220 -6.92 -19.55 9.82
N ASP B 221 -7.42 -20.76 9.60
CA ASP B 221 -7.80 -21.17 8.27
C ASP B 221 -9.16 -20.65 7.84
N HIS B 222 -10.03 -20.27 8.76
CA HIS B 222 -11.37 -19.88 8.34
C HIS B 222 -11.74 -18.43 8.55
N VAL B 223 -11.01 -17.74 9.41
CA VAL B 223 -11.36 -16.37 9.71
C VAL B 223 -10.42 -15.51 8.87
N LYS B 224 -10.91 -14.39 8.35
CA LYS B 224 -10.15 -13.55 7.45
C LYS B 224 -10.10 -12.10 7.95
N ARG B 225 -9.17 -11.33 7.41
N ARG B 225 -9.17 -11.32 7.41
CA ARG B 225 -9.12 -9.91 7.66
CA ARG B 225 -9.12 -9.90 7.65
C ARG B 225 -10.49 -9.29 7.50
C ARG B 225 -10.49 -9.29 7.50
N GLY B 226 -10.90 -8.58 8.52
CA GLY B 226 -12.16 -7.86 8.51
C GLY B 226 -13.28 -8.56 9.24
N ASP B 227 -13.11 -9.84 9.52
CA ASP B 227 -14.09 -10.53 10.31
C ASP B 227 -14.09 -9.93 11.73
N ILE B 228 -15.08 -10.25 12.51
CA ILE B 228 -15.27 -9.66 13.84
C ILE B 228 -15.10 -10.63 14.98
N VAL B 229 -14.42 -10.21 16.03
CA VAL B 229 -14.44 -10.94 17.29
C VAL B 229 -15.02 -9.98 18.31
N GLU B 230 -16.04 -10.42 19.03
CA GLU B 230 -16.62 -9.60 20.11
C GLU B 230 -16.29 -10.28 21.42
N VAL B 231 -15.77 -9.53 22.36
CA VAL B 231 -15.46 -10.06 23.70
C VAL B 231 -16.49 -9.48 24.66
N VAL B 232 -17.07 -10.35 25.50
CA VAL B 232 -18.08 -9.93 26.44
C VAL B 232 -17.85 -10.50 27.83
N ASN B 233 -18.37 -9.82 28.82
CA ASN B 233 -18.39 -10.24 30.20
C ASN B 233 -17.05 -10.43 30.91
N THR B 234 -15.97 -9.83 30.47
CA THR B 234 -14.74 -9.88 31.19
C THR B 234 -14.72 -8.83 32.27
N VAL B 235 -13.69 -8.88 33.10
CA VAL B 235 -13.46 -7.85 34.12
C VAL B 235 -12.73 -6.64 33.58
N GLY B 236 -12.41 -6.63 32.29
CA GLY B 236 -11.70 -5.50 31.72
C GLY B 236 -12.57 -4.31 31.39
N GLY B 237 -11.98 -3.28 30.82
CA GLY B 237 -12.73 -2.17 30.29
C GLY B 237 -13.09 -2.46 28.84
N THR B 238 -13.42 -1.42 28.06
N THR B 238 -12.96 -1.45 28.02
CA THR B 238 -13.78 -1.59 26.61
CA THR B 238 -13.38 -1.61 26.67
C THR B 238 -12.54 -1.23 25.74
C THR B 238 -12.24 -1.31 25.77
N LEU B 239 -12.24 -1.99 24.66
CA LEU B 239 -11.16 -1.77 23.75
C LEU B 239 -11.20 -0.34 23.18
N PRO B 240 -10.05 0.37 23.14
CA PRO B 240 -10.18 1.73 22.60
C PRO B 240 -10.58 1.83 21.18
N GLY B 241 -11.42 2.79 20.84
CA GLY B 241 -11.81 2.98 19.48
C GLY B 241 -10.71 3.34 18.52
N ILE B 242 -9.62 3.92 19.00
CA ILE B 242 -8.53 4.27 18.12
C ILE B 242 -7.35 3.32 18.20
N ASP B 243 -7.59 2.10 18.67
CA ASP B 243 -6.54 1.08 18.68
C ASP B 243 -5.90 0.88 17.31
N GLY B 244 -6.70 0.81 16.25
CA GLY B 244 -6.26 0.45 14.93
C GLY B 244 -7.17 -0.65 14.42
N LEU B 245 -7.67 -1.49 15.33
CA LEU B 245 -8.68 -2.48 14.97
C LEU B 245 -9.88 -2.39 15.88
N GLY B 246 -10.06 -1.25 16.56
CA GLY B 246 -11.18 -1.03 17.46
C GLY B 246 -12.24 -0.06 17.01
N ASP B 247 -12.28 0.22 15.71
CA ASP B 247 -13.15 1.24 15.14
C ASP B 247 -14.58 1.13 15.57
N TRP B 248 -15.11 -0.07 15.71
CA TRP B 248 -16.50 -0.23 16.03
C TRP B 248 -16.85 0.14 17.45
N ASN B 249 -15.86 0.39 18.30
CA ASN B 249 -16.14 0.81 19.64
C ASN B 249 -16.39 2.30 19.75
N ILE B 250 -16.28 3.01 18.63
CA ILE B 250 -16.65 4.41 18.61
C ILE B 250 -18.09 4.38 18.13
N PRO B 251 -19.06 4.87 18.94
CA PRO B 251 -20.43 4.78 18.47
C PRO B 251 -20.69 5.56 17.21
N TRP B 252 -21.67 5.14 16.42
CA TRP B 252 -21.90 5.78 15.13
C TRP B 252 -22.12 7.27 15.23
N ASP B 253 -22.81 7.77 16.26
CA ASP B 253 -23.03 9.22 16.26
C ASP B 253 -21.75 10.01 16.37
N GLN B 254 -20.79 9.51 17.13
CA GLN B 254 -19.53 10.16 17.22
C GLN B 254 -18.72 9.95 15.94
N TRP B 255 -18.77 8.75 15.38
CA TRP B 255 -18.01 8.48 14.17
C TRP B 255 -18.46 9.36 13.03
N ARG B 256 -19.78 9.42 12.81
CA ARG B 256 -20.38 10.18 11.72
C ARG B 256 -20.04 11.63 11.82
N ALA B 257 -20.02 12.13 13.04
CA ALA B 257 -19.71 13.53 13.25
C ALA B 257 -18.26 13.79 12.88
N GLY B 258 -17.41 12.78 12.98
CA GLY B 258 -16.05 12.94 12.51
C GLY B 258 -15.18 13.78 13.38
N ASN B 259 -13.95 13.94 12.92
CA ASN B 259 -12.98 14.74 13.63
C ASN B 259 -12.06 15.50 12.67
N ALA B 260 -12.62 15.98 11.55
CA ALA B 260 -11.82 16.66 10.53
C ALA B 260 -11.22 17.99 11.01
N LYS B 261 -11.86 18.65 11.94
CA LYS B 261 -11.28 19.89 12.46
C LYS B 261 -10.57 19.71 13.79
N ALA B 262 -10.25 18.48 14.21
CA ALA B 262 -9.60 18.23 15.52
C ALA B 262 -8.27 17.49 15.38
CA 3HL C . -0.77 -10.44 24.29
CB 3HL C . -1.48 -9.28 25.01
OG1 3HL C . -0.94 -8.00 24.63
CG2 3HL C . -2.92 -9.25 24.69
C 3HL C . -1.54 -11.76 24.37
OA 3HL C . -1.77 -12.21 25.49
#